data_4CCW
#
_entry.id   4CCW
#
_cell.length_a   46.987
_cell.length_b   46.987
_cell.length_c   212.461
_cell.angle_alpha   90.00
_cell.angle_beta   90.00
_cell.angle_gamma   120.00
#
_symmetry.space_group_name_H-M   'P 32 2 1'
#
loop_
_entity.id
_entity.type
_entity.pdbx_description
1 polymer 'CARBOXYL ESTERASE NP'
2 non-polymer '(2-hydroxyethoxy)acetic acid'
3 water water
#
_entity_poly.entity_id   1
_entity_poly.type   'polypeptide(L)'
_entity_poly.pdbx_seq_one_letter_code
;SNHSSSIPELSDNGIRYYQTYNESLSLWPVRCKSFYISTRFGQTHVIASGPEDAPPLVLLHGALFSSTMWYPNIADWSSK
YRTYAVDIIGDKNKSIPENLSGTRTDYANWLLDVFDNLGIEKSHMIGLSLGGLHTMNFLLRMPERVKSAAILSPAETFLP
FHHDFYKYALGLTASNGVEKFLNWMMTDQNVLHPIFVKQFQAGVMWQDGSRNPNPKADGFPYVFTDEELRSARVPILLLL
GEHEVIYDPHSALHRASSFVPDIEAEVIKNAGHVLSMEQPAYVNERVMRFFNAETGISR
;
_entity_poly.pdbx_strand_id   A
#
# COMPACT_ATOMS: atom_id res chain seq x y z
N PRO A 8 -17.36 13.66 -17.32
CA PRO A 8 -16.08 12.95 -17.37
C PRO A 8 -15.03 13.73 -18.14
N GLU A 9 -13.75 13.40 -17.91
CA GLU A 9 -12.65 13.85 -18.77
C GLU A 9 -11.32 13.12 -18.50
N LEU A 10 -11.25 11.89 -18.99
CA LEU A 10 -10.02 11.10 -18.99
C LEU A 10 -9.31 11.22 -20.34
N SER A 11 -8.00 11.39 -20.31
CA SER A 11 -7.20 11.38 -21.54
C SER A 11 -7.20 9.97 -22.17
N ASP A 12 -6.73 9.86 -23.41
CA ASP A 12 -6.52 8.55 -24.03
C ASP A 12 -5.63 7.63 -23.17
N ASN A 13 -4.58 8.19 -22.56
CA ASN A 13 -3.71 7.42 -21.67
C ASN A 13 -4.41 6.99 -20.38
N GLY A 14 -5.33 7.83 -19.91
CA GLY A 14 -6.16 7.51 -18.76
C GLY A 14 -7.11 6.37 -19.03
N ILE A 15 -7.77 6.41 -20.19
CA ILE A 15 -8.66 5.33 -20.62
C ILE A 15 -7.90 4.01 -20.71
N ARG A 16 -6.70 4.06 -21.27
CA ARG A 16 -5.87 2.88 -21.41
C ARG A 16 -5.52 2.32 -20.03
N TYR A 17 -5.17 3.20 -19.10
CA TYR A 17 -4.84 2.77 -17.73
C TYR A 17 -6.04 2.08 -17.10
N TYR A 18 -7.21 2.72 -17.17
CA TYR A 18 -8.44 2.12 -16.65
C TYR A 18 -8.73 0.74 -17.22
N GLN A 19 -8.54 0.56 -18.54
CA GLN A 19 -8.71 -0.73 -19.17
C GLN A 19 -7.74 -1.79 -18.60
N THR A 20 -6.47 -1.43 -18.46
CA THR A 20 -5.48 -2.35 -17.89
C THR A 20 -5.77 -2.71 -16.44
N TYR A 21 -6.31 -1.75 -15.69
CA TYR A 21 -6.71 -1.97 -14.29
C TYR A 21 -7.81 -3.03 -14.25
N ASN A 22 -8.79 -2.90 -15.13
CA ASN A 22 -9.89 -3.85 -15.21
C ASN A 22 -9.42 -5.24 -15.61
N GLU A 23 -8.43 -5.30 -16.50
CA GLU A 23 -7.87 -6.57 -16.92
C GLU A 23 -7.07 -7.26 -15.81
N SER A 24 -6.38 -6.47 -14.99
CA SER A 24 -5.70 -7.03 -13.80
C SER A 24 -6.68 -7.60 -12.78
N LEU A 25 -7.89 -7.07 -12.71
CA LEU A 25 -8.89 -7.59 -11.78
C LEU A 25 -9.37 -9.00 -12.11
N SER A 26 -9.09 -9.46 -13.33
CA SER A 26 -9.36 -10.85 -13.71
C SER A 26 -8.40 -11.83 -13.05
N LEU A 27 -7.32 -11.30 -12.45
CA LEU A 27 -6.36 -12.10 -11.67
C LEU A 27 -6.84 -12.36 -10.24
N TRP A 28 -7.98 -11.74 -9.87
CA TRP A 28 -8.59 -11.89 -8.56
C TRP A 28 -9.30 -13.22 -8.51
N PRO A 29 -8.85 -14.14 -7.64
CA PRO A 29 -9.40 -15.52 -7.66
C PRO A 29 -10.62 -15.73 -6.77
N VAL A 30 -11.26 -14.65 -6.37
CA VAL A 30 -12.47 -14.73 -5.55
C VAL A 30 -13.49 -13.68 -6.00
N ARG A 31 -14.76 -13.87 -5.65
CA ARG A 31 -15.80 -12.91 -6.00
C ARG A 31 -15.53 -11.56 -5.34
N CYS A 32 -15.56 -10.50 -6.13
CA CYS A 32 -15.39 -9.16 -5.58
C CYS A 32 -16.33 -8.14 -6.24
N LYS A 33 -16.46 -6.99 -5.60
CA LYS A 33 -17.18 -5.87 -6.19
C LYS A 33 -16.33 -4.60 -6.14
N SER A 34 -16.33 -3.87 -7.24
CA SER A 34 -15.69 -2.58 -7.33
C SER A 34 -16.73 -1.50 -7.12
N PHE A 35 -16.39 -0.49 -6.32
CA PHE A 35 -17.31 0.62 -6.05
C PHE A 35 -16.55 1.85 -5.56
N TYR A 36 -17.27 2.97 -5.50
CA TYR A 36 -16.68 4.22 -5.06
C TYR A 36 -17.29 4.69 -3.74
N ILE A 37 -16.44 5.29 -2.92
CA ILE A 37 -16.82 5.89 -1.65
C ILE A 37 -16.48 7.37 -1.71
N SER A 38 -17.45 8.21 -1.40
CA SER A 38 -17.22 9.65 -1.34
C SER A 38 -16.49 10.02 -0.05
N THR A 39 -15.41 10.78 -0.18
CA THR A 39 -14.66 11.27 0.98
C THR A 39 -14.46 12.77 0.79
N ARG A 40 -13.98 13.46 1.82
CA ARG A 40 -13.80 14.92 1.75
C ARG A 40 -12.69 15.28 0.76
N PHE A 41 -11.88 14.28 0.39
CA PHE A 41 -10.84 14.49 -0.61
C PHE A 41 -11.07 13.71 -1.90
N GLY A 42 -12.31 13.27 -2.12
CA GLY A 42 -12.70 12.77 -3.43
C GLY A 42 -13.14 11.32 -3.46
N GLN A 43 -13.60 10.89 -4.62
CA GLN A 43 -14.14 9.55 -4.80
C GLN A 43 -13.05 8.50 -4.76
N THR A 44 -13.22 7.54 -3.85
CA THR A 44 -12.20 6.56 -3.53
C THR A 44 -12.65 5.17 -3.96
N HIS A 45 -11.83 4.53 -4.78
CA HIS A 45 -12.16 3.22 -5.34
C HIS A 45 -11.83 2.13 -4.36
N VAL A 46 -12.77 1.19 -4.21
CA VAL A 46 -12.63 0.08 -3.27
C VAL A 46 -13.03 -1.22 -3.94
N ILE A 47 -12.26 -2.27 -3.67
CA ILE A 47 -12.60 -3.63 -4.06
C ILE A 47 -12.89 -4.45 -2.79
N ALA A 48 -14.12 -4.96 -2.66
CA ALA A 48 -14.52 -5.76 -1.50
C ALA A 48 -14.61 -7.24 -1.84
N SER A 49 -14.10 -8.07 -0.94
CA SER A 49 -14.16 -9.52 -1.05
C SER A 49 -14.43 -10.11 0.33
N GLY A 50 -14.89 -11.36 0.38
CA GLY A 50 -15.05 -12.06 1.65
C GLY A 50 -16.46 -11.93 2.23
N PRO A 51 -16.75 -12.72 3.28
CA PRO A 51 -18.11 -12.78 3.84
C PRO A 51 -18.52 -11.43 4.40
N GLU A 52 -19.75 -11.01 4.11
CA GLU A 52 -20.20 -9.68 4.49
C GLU A 52 -20.23 -9.48 6.01
N ASP A 53 -20.48 -10.55 6.76
CA ASP A 53 -20.53 -10.48 8.23
C ASP A 53 -19.19 -10.73 8.94
N ALA A 54 -18.14 -11.00 8.18
CA ALA A 54 -16.81 -11.27 8.75
C ALA A 54 -16.16 -9.98 9.26
N PRO A 55 -15.19 -10.09 10.20
CA PRO A 55 -14.45 -8.91 10.65
C PRO A 55 -13.81 -8.16 9.47
N PRO A 56 -13.82 -6.82 9.53
CA PRO A 56 -13.25 -6.02 8.46
C PRO A 56 -11.71 -6.07 8.42
N LEU A 57 -11.19 -6.03 7.20
CA LEU A 57 -9.75 -5.89 6.94
C LEU A 57 -9.53 -4.89 5.82
N VAL A 58 -8.64 -3.92 6.06
CA VAL A 58 -8.39 -2.90 5.06
C VAL A 58 -6.97 -3.07 4.49
N LEU A 59 -6.86 -3.07 3.16
CA LEU A 59 -5.60 -3.19 2.45
C LEU A 59 -5.24 -1.87 1.76
N LEU A 60 -3.98 -1.47 1.92
CA LEU A 60 -3.47 -0.26 1.31
C LEU A 60 -2.19 -0.64 0.54
N HIS A 61 -2.31 -0.59 -0.79
CA HIS A 61 -1.28 -1.04 -1.75
C HIS A 61 -0.01 -0.22 -1.75
N GLY A 62 1.02 -0.73 -2.45
CA GLY A 62 2.28 0.01 -2.64
C GLY A 62 2.17 1.10 -3.69
N ALA A 63 3.09 2.06 -3.66
CA ALA A 63 3.05 3.18 -4.61
C ALA A 63 2.97 2.72 -6.06
N LEU A 64 2.07 3.33 -6.83
CA LEU A 64 1.96 3.17 -8.29
C LEU A 64 1.37 1.83 -8.74
N PHE A 65 1.09 0.95 -7.78
CA PHE A 65 0.68 -0.43 -8.06
C PHE A 65 -0.83 -0.66 -8.06
N SER A 66 -1.57 0.22 -7.38
CA SER A 66 -3.03 0.09 -7.14
C SER A 66 -3.44 -1.11 -6.29
N SER A 67 -4.73 -1.18 -5.97
CA SER A 67 -5.30 -2.28 -5.20
C SER A 67 -5.26 -3.63 -5.92
N THR A 68 -5.06 -3.61 -7.24
CA THR A 68 -5.03 -4.86 -8.01
C THR A 68 -3.85 -5.75 -7.63
N MET A 69 -2.85 -5.18 -6.93
CA MET A 69 -1.63 -5.93 -6.56
C MET A 69 -1.88 -7.06 -5.57
N TRP A 70 -3.03 -7.06 -4.91
CA TRP A 70 -3.34 -8.04 -3.87
C TRP A 70 -3.80 -9.40 -4.36
N TYR A 71 -3.71 -9.64 -5.67
CA TYR A 71 -4.20 -10.91 -6.24
C TYR A 71 -3.59 -12.21 -5.66
N PRO A 72 -2.31 -12.17 -5.18
CA PRO A 72 -1.73 -13.40 -4.62
C PRO A 72 -2.13 -13.68 -3.18
N ASN A 73 -2.84 -12.75 -2.56
CA ASN A 73 -3.06 -12.79 -1.11
C ASN A 73 -4.52 -12.84 -0.79
N ILE A 74 -5.35 -12.38 -1.72
CA ILE A 74 -6.74 -12.11 -1.42
C ILE A 74 -7.59 -13.36 -1.18
N ALA A 75 -7.27 -14.49 -1.83
CA ALA A 75 -8.02 -15.73 -1.61
C ALA A 75 -7.90 -16.22 -0.16
N ASP A 76 -6.69 -16.19 0.38
CA ASP A 76 -6.43 -16.56 1.78
C ASP A 76 -7.01 -15.54 2.76
N TRP A 77 -6.69 -14.25 2.59
CA TRP A 77 -7.15 -13.25 3.54
C TRP A 77 -8.63 -13.07 3.53
N SER A 78 -9.22 -13.17 2.33
CA SER A 78 -10.67 -13.00 2.12
C SER A 78 -11.49 -14.14 2.72
N SER A 79 -10.88 -15.31 2.92
CA SER A 79 -11.61 -16.45 3.49
C SER A 79 -12.09 -16.16 4.91
N LYS A 80 -11.35 -15.33 5.64
CA LYS A 80 -11.65 -15.08 7.05
C LYS A 80 -12.15 -13.67 7.35
N TYR A 81 -11.85 -12.72 6.46
CA TYR A 81 -12.13 -11.32 6.71
C TYR A 81 -12.95 -10.69 5.61
N ARG A 82 -13.78 -9.73 5.99
CA ARG A 82 -14.40 -8.85 5.02
C ARG A 82 -13.32 -7.87 4.61
N THR A 83 -12.75 -8.09 3.44
CA THR A 83 -11.52 -7.41 3.04
C THR A 83 -11.77 -6.31 2.03
N TYR A 84 -11.37 -5.08 2.37
CA TYR A 84 -11.54 -3.93 1.51
C TYR A 84 -10.18 -3.46 1.01
N ALA A 85 -9.96 -3.58 -0.30
CA ALA A 85 -8.75 -3.05 -0.91
C ALA A 85 -8.98 -1.64 -1.43
N VAL A 86 -8.36 -0.67 -0.76
CA VAL A 86 -8.64 0.75 -0.99
C VAL A 86 -7.55 1.40 -1.86
N ASP A 87 -7.96 2.06 -2.95
CA ASP A 87 -6.99 2.79 -3.79
C ASP A 87 -6.64 4.11 -3.11
N ILE A 88 -5.35 4.29 -2.79
CA ILE A 88 -4.88 5.48 -2.08
C ILE A 88 -5.10 6.75 -2.91
N ILE A 89 -5.77 7.70 -2.28
CA ILE A 89 -6.11 8.95 -2.92
C ILE A 89 -4.86 9.73 -3.35
N GLY A 90 -4.85 10.18 -4.60
CA GLY A 90 -3.72 10.91 -5.18
C GLY A 90 -2.67 10.06 -5.89
N ASP A 91 -2.68 8.75 -5.66
CA ASP A 91 -1.72 7.83 -6.28
C ASP A 91 -2.28 7.31 -7.62
N LYS A 92 -1.42 6.69 -8.42
CA LYS A 92 -1.79 6.21 -9.75
C LYS A 92 -2.69 4.97 -9.66
N ASN A 93 -4.00 5.22 -9.76
CA ASN A 93 -5.05 4.21 -9.55
C ASN A 93 -6.41 4.80 -9.90
N LYS A 94 -7.48 4.18 -9.41
CA LYS A 94 -8.85 4.58 -9.78
C LYS A 94 -9.49 5.62 -8.84
N SER A 95 -8.83 5.93 -7.72
CA SER A 95 -9.31 7.01 -6.85
C SER A 95 -9.12 8.38 -7.49
N ILE A 96 -10.04 9.29 -7.24
CA ILE A 96 -10.02 10.62 -7.90
C ILE A 96 -9.87 11.76 -6.89
N PRO A 97 -8.67 12.34 -6.79
CA PRO A 97 -8.42 13.35 -5.76
C PRO A 97 -9.09 14.68 -6.06
N GLU A 98 -9.67 15.28 -5.01
CA GLU A 98 -10.18 16.65 -5.09
C GLU A 98 -9.68 17.44 -3.90
N ASN A 99 -9.23 18.67 -4.17
CA ASN A 99 -8.74 19.59 -3.13
C ASN A 99 -7.81 18.95 -2.10
N LEU A 100 -6.80 18.25 -2.60
CA LEU A 100 -5.89 17.47 -1.76
C LEU A 100 -4.54 18.16 -1.60
N SER A 101 -4.28 18.68 -0.40
CA SER A 101 -3.00 19.35 -0.11
C SER A 101 -1.83 18.39 0.06
N GLY A 102 -2.12 17.20 0.57
CA GLY A 102 -1.11 16.15 0.76
C GLY A 102 -0.48 16.08 2.12
N THR A 103 -1.04 16.79 3.11
CA THR A 103 -0.48 16.70 4.46
C THR A 103 -0.81 15.35 5.08
N ARG A 104 -0.06 15.01 6.12
CA ARG A 104 -0.31 13.76 6.83
C ARG A 104 -1.65 13.83 7.57
N THR A 105 -2.02 15.01 8.01
CA THR A 105 -3.35 15.19 8.62
C THR A 105 -4.46 14.89 7.60
N ASP A 106 -4.34 15.48 6.40
CA ASP A 106 -5.32 15.26 5.31
C ASP A 106 -5.49 13.78 5.00
N TYR A 107 -4.37 13.08 4.81
CA TYR A 107 -4.42 11.66 4.50
C TYR A 107 -5.09 10.81 5.59
N ALA A 108 -4.83 11.09 6.86
CA ALA A 108 -5.50 10.38 7.94
C ALA A 108 -7.02 10.64 7.95
N ASN A 109 -7.39 11.89 7.71
CA ASN A 109 -8.81 12.28 7.60
C ASN A 109 -9.48 11.65 6.38
N TRP A 110 -8.72 11.46 5.30
CA TRP A 110 -9.24 10.76 4.11
C TRP A 110 -9.61 9.35 4.50
N LEU A 111 -8.68 8.65 5.15
CA LEU A 111 -8.91 7.28 5.56
C LEU A 111 -10.01 7.16 6.62
N LEU A 112 -10.08 8.15 7.51
CA LEU A 112 -11.18 8.26 8.47
C LEU A 112 -12.53 8.15 7.74
N ASP A 113 -12.72 9.01 6.73
CA ASP A 113 -13.91 9.00 5.89
C ASP A 113 -14.21 7.62 5.27
N VAL A 114 -13.19 6.99 4.72
CA VAL A 114 -13.33 5.64 4.17
C VAL A 114 -13.87 4.68 5.23
N PHE A 115 -13.23 4.65 6.40
CA PHE A 115 -13.67 3.81 7.52
C PHE A 115 -15.13 4.11 7.88
N ASP A 116 -15.44 5.39 8.11
CA ASP A 116 -16.81 5.79 8.49
C ASP A 116 -17.84 5.37 7.44
N ASN A 117 -17.51 5.58 6.17
CA ASN A 117 -18.40 5.26 5.05
C ASN A 117 -18.59 3.78 4.77
N LEU A 118 -17.64 2.97 5.22
CA LEU A 118 -17.76 1.51 5.16
C LEU A 118 -18.39 0.95 6.42
N GLY A 119 -18.63 1.82 7.40
CA GLY A 119 -19.28 1.42 8.65
C GLY A 119 -18.35 0.66 9.57
N ILE A 120 -17.05 0.88 9.41
CA ILE A 120 -16.05 0.23 10.22
C ILE A 120 -15.94 0.94 11.58
N GLU A 121 -15.93 0.14 12.65
CA GLU A 121 -15.58 0.65 13.96
C GLU A 121 -14.08 0.51 14.14
N LYS A 122 -13.63 -0.71 14.45
CA LYS A 122 -12.19 -1.02 14.38
C LYS A 122 -11.92 -2.02 13.25
N SER A 123 -10.74 -1.94 12.67
CA SER A 123 -10.37 -2.83 11.56
C SER A 123 -8.93 -3.30 11.65
N HIS A 124 -8.68 -4.49 11.10
CA HIS A 124 -7.30 -4.90 10.83
C HIS A 124 -6.87 -4.15 9.60
N MET A 125 -5.56 -3.92 9.50
CA MET A 125 -5.00 -3.21 8.35
C MET A 125 -3.74 -3.90 7.88
N ILE A 126 -3.55 -3.90 6.57
CA ILE A 126 -2.31 -4.35 5.95
C ILE A 126 -1.96 -3.30 4.93
N GLY A 127 -0.70 -2.86 4.97
CA GLY A 127 -0.24 -1.85 4.02
C GLY A 127 1.17 -2.16 3.61
N LEU A 128 1.43 -2.07 2.30
CA LEU A 128 2.78 -2.26 1.79
C LEU A 128 3.28 -0.96 1.18
N SER A 129 4.59 -0.70 1.32
CA SER A 129 5.21 0.50 0.69
C SER A 129 4.46 1.77 1.12
N LEU A 130 4.02 2.59 0.17
CA LEU A 130 3.21 3.78 0.49
C LEU A 130 2.06 3.49 1.48
N GLY A 131 1.34 2.40 1.22
CA GLY A 131 0.24 1.95 2.07
C GLY A 131 0.66 1.64 3.50
N GLY A 132 1.89 1.16 3.67
CA GLY A 132 2.45 0.89 5.01
C GLY A 132 2.65 2.19 5.79
N LEU A 133 3.08 3.23 5.08
CA LEU A 133 3.31 4.55 5.65
C LEU A 133 1.98 5.18 6.07
N HIS A 134 0.99 5.13 5.19
CA HIS A 134 -0.38 5.52 5.51
C HIS A 134 -0.89 4.78 6.71
N THR A 135 -0.61 3.49 6.78
CA THR A 135 -1.08 2.67 7.90
C THR A 135 -0.47 3.15 9.21
N MET A 136 0.84 3.38 9.24
CA MET A 136 1.51 3.83 10.45
C MET A 136 0.97 5.20 10.85
N ASN A 137 0.82 6.09 9.87
CA ASN A 137 0.33 7.44 10.17
C ASN A 137 -1.07 7.37 10.81
N PHE A 138 -1.90 6.46 10.30
CA PHE A 138 -3.30 6.33 10.76
C PHE A 138 -3.39 5.74 12.16
N LEU A 139 -2.66 4.66 12.40
CA LEU A 139 -2.72 4.00 13.70
C LEU A 139 -2.16 4.90 14.81
N LEU A 140 -1.20 5.77 14.48
CA LEU A 140 -0.65 6.69 15.48
C LEU A 140 -1.64 7.79 15.82
N ARG A 141 -2.43 8.21 14.83
CA ARG A 141 -3.39 9.29 15.05
C ARG A 141 -4.72 8.79 15.63
N MET A 142 -5.10 7.56 15.29
CA MET A 142 -6.42 7.03 15.61
C MET A 142 -6.41 5.56 16.04
N PRO A 143 -5.71 5.26 17.15
CA PRO A 143 -5.57 3.88 17.66
C PRO A 143 -6.91 3.23 17.99
N GLU A 144 -7.92 4.06 18.19
CA GLU A 144 -9.27 3.62 18.52
C GLU A 144 -9.99 2.92 17.36
N ARG A 145 -9.42 3.02 16.16
CA ARG A 145 -10.00 2.48 14.93
C ARG A 145 -9.24 1.31 14.33
N VAL A 146 -8.09 0.98 14.92
CA VAL A 146 -7.21 -0.05 14.37
C VAL A 146 -7.06 -1.18 15.39
N LYS A 147 -7.55 -2.37 15.06
CA LYS A 147 -7.37 -3.54 15.94
C LYS A 147 -5.90 -3.96 16.02
N SER A 148 -5.28 -4.09 14.86
CA SER A 148 -3.85 -4.39 14.73
C SER A 148 -3.47 -4.13 13.28
N ALA A 149 -2.18 -4.02 13.01
CA ALA A 149 -1.71 -3.59 11.68
C ALA A 149 -0.49 -4.40 11.28
N ALA A 150 -0.47 -4.82 10.01
CA ALA A 150 0.68 -5.46 9.40
C ALA A 150 1.24 -4.44 8.43
N ILE A 151 2.49 -4.07 8.65
CA ILE A 151 3.15 -3.03 7.86
C ILE A 151 4.24 -3.74 7.10
N LEU A 152 4.12 -3.72 5.77
CA LEU A 152 5.03 -4.48 4.91
C LEU A 152 5.90 -3.53 4.13
N SER A 153 7.22 -3.67 4.26
CA SER A 153 8.15 -2.88 3.42
C SER A 153 7.70 -1.40 3.33
N PRO A 154 7.49 -0.74 4.48
CA PRO A 154 6.89 0.61 4.44
C PRO A 154 7.74 1.65 3.71
N ALA A 155 7.09 2.57 3.01
CA ALA A 155 7.80 3.71 2.45
C ALA A 155 8.30 4.53 3.62
N GLU A 156 9.61 4.74 3.66
CA GLU A 156 10.27 5.41 4.78
C GLU A 156 9.74 4.90 6.13
N THR A 157 9.06 5.74 6.90
CA THR A 157 8.44 5.34 8.19
C THR A 157 9.49 5.15 9.31
N PHE A 158 10.38 4.17 9.17
CA PHE A 158 11.45 3.98 10.13
C PHE A 158 12.79 4.59 9.71
N LEU A 159 13.10 4.51 8.42
CA LEU A 159 14.35 5.04 7.88
C LEU A 159 14.04 5.85 6.65
N PRO A 160 14.90 6.83 6.30
CA PRO A 160 14.72 7.54 5.03
C PRO A 160 15.10 6.65 3.86
N PHE A 161 14.59 6.98 2.68
CA PHE A 161 14.94 6.23 1.47
C PHE A 161 16.41 6.30 1.19
N HIS A 162 16.95 5.22 0.63
CA HIS A 162 18.24 5.30 -0.04
C HIS A 162 18.05 6.17 -1.27
N HIS A 163 19.06 6.96 -1.64
CA HIS A 163 18.90 7.91 -2.76
C HIS A 163 18.53 7.24 -4.08
N ASP A 164 18.91 5.97 -4.23
CA ASP A 164 18.59 5.23 -5.46
C ASP A 164 17.09 5.12 -5.69
N PHE A 165 16.31 5.08 -4.61
CA PHE A 165 14.87 5.03 -4.77
C PHE A 165 14.38 6.24 -5.56
N TYR A 166 14.82 7.44 -5.16
CA TYR A 166 14.45 8.66 -5.90
C TYR A 166 14.80 8.59 -7.38
N LYS A 167 15.99 8.07 -7.68
CA LYS A 167 16.48 7.96 -9.05
C LYS A 167 15.70 6.96 -9.91
N TYR A 168 15.46 5.76 -9.38
CA TYR A 168 14.69 4.77 -10.15
C TYR A 168 13.25 5.18 -10.32
N ALA A 169 12.66 5.78 -9.28
CA ALA A 169 11.29 6.24 -9.37
C ALA A 169 11.18 7.33 -10.44
N LEU A 170 12.09 8.29 -10.42
CA LEU A 170 12.12 9.35 -11.43
C LEU A 170 12.29 8.76 -12.83
N GLY A 171 13.19 7.78 -12.94
CA GLY A 171 13.53 7.22 -14.25
C GLY A 171 12.42 6.43 -14.93
N LEU A 172 11.35 6.11 -14.19
CA LEU A 172 10.24 5.33 -14.75
C LEU A 172 9.72 5.84 -16.10
N THR A 173 9.59 7.16 -16.24
CA THR A 173 9.04 7.76 -17.47
C THR A 173 10.00 7.85 -18.66
N ALA A 174 11.30 7.71 -18.42
CA ALA A 174 12.28 7.83 -19.52
C ALA A 174 12.73 6.46 -20.05
N SER A 175 13.05 6.41 -21.34
CA SER A 175 13.52 5.20 -22.07
C SER A 175 12.99 3.86 -21.50
N ASN A 176 13.89 3.04 -20.94
CA ASN A 176 13.50 1.73 -20.40
C ASN A 176 13.33 1.72 -18.87
N GLY A 177 12.86 2.86 -18.34
CA GLY A 177 12.72 3.05 -16.90
C GLY A 177 11.91 2.01 -16.13
N VAL A 178 10.85 1.50 -16.75
CA VAL A 178 10.02 0.50 -16.09
C VAL A 178 10.80 -0.80 -15.84
N GLU A 179 11.51 -1.25 -16.87
CA GLU A 179 12.34 -2.44 -16.79
C GLU A 179 13.50 -2.28 -15.80
N LYS A 180 14.13 -1.10 -15.81
CA LYS A 180 15.22 -0.78 -14.88
C LYS A 180 14.72 -0.83 -13.45
N PHE A 181 13.59 -0.18 -13.19
CA PHE A 181 13.00 -0.14 -11.86
C PHE A 181 12.72 -1.55 -11.32
N LEU A 182 12.06 -2.37 -12.14
CA LEU A 182 11.66 -3.70 -11.71
C LEU A 182 12.83 -4.68 -11.48
N ASN A 183 13.83 -4.60 -12.34
CA ASN A 183 15.02 -5.44 -12.21
C ASN A 183 15.84 -5.06 -10.97
N TRP A 184 15.82 -3.77 -10.64
CA TRP A 184 16.44 -3.28 -9.43
C TRP A 184 15.71 -3.74 -8.20
N MET A 185 14.38 -3.59 -8.21
CA MET A 185 13.56 -3.87 -7.04
C MET A 185 13.35 -5.37 -6.81
N MET A 186 13.41 -6.15 -7.89
CA MET A 186 13.08 -7.56 -7.79
C MET A 186 14.19 -8.48 -8.31
N THR A 187 14.53 -9.49 -7.50
CA THR A 187 15.50 -10.51 -7.92
C THR A 187 14.96 -11.26 -9.14
N ASP A 188 13.64 -11.44 -9.17
CA ASP A 188 12.95 -12.03 -10.31
C ASP A 188 11.60 -11.34 -10.53
N GLN A 189 11.56 -10.36 -11.42
CA GLN A 189 10.33 -9.62 -11.69
C GLN A 189 9.27 -10.48 -12.41
N ASN A 190 9.68 -11.68 -12.84
CA ASN A 190 8.76 -12.66 -13.44
C ASN A 190 7.76 -13.27 -12.47
N VAL A 191 7.92 -12.98 -11.17
CA VAL A 191 6.90 -13.38 -10.19
C VAL A 191 5.63 -12.52 -10.38
N LEU A 192 5.80 -11.31 -10.93
CA LEU A 192 4.66 -10.46 -11.30
C LEU A 192 3.97 -10.98 -12.55
N HIS A 193 2.64 -11.03 -12.53
CA HIS A 193 1.88 -11.42 -13.71
C HIS A 193 2.05 -10.40 -14.81
N PRO A 194 2.27 -10.86 -16.06
CA PRO A 194 2.40 -9.94 -17.21
C PRO A 194 1.25 -8.94 -17.34
N ILE A 195 0.03 -9.33 -16.93
CA ILE A 195 -1.13 -8.44 -17.02
C ILE A 195 -1.01 -7.33 -15.98
N PHE A 196 -0.52 -7.70 -14.80
CA PHE A 196 -0.27 -6.73 -13.75
C PHE A 196 0.79 -5.73 -14.19
N VAL A 197 1.86 -6.24 -14.82
CA VAL A 197 2.95 -5.39 -15.30
C VAL A 197 2.45 -4.43 -16.38
N LYS A 198 1.62 -4.93 -17.30
CA LYS A 198 1.01 -4.10 -18.33
C LYS A 198 0.27 -2.91 -17.73
N GLN A 199 -0.44 -3.16 -16.62
CA GLN A 199 -1.14 -2.09 -15.89
C GLN A 199 -0.16 -1.09 -15.27
N PHE A 200 0.91 -1.61 -14.67
CA PHE A 200 1.91 -0.76 -14.03
C PHE A 200 2.54 0.16 -15.10
N GLN A 201 2.87 -0.41 -16.25
CA GLN A 201 3.40 0.34 -17.37
C GLN A 201 2.43 1.43 -17.83
N ALA A 202 1.14 1.07 -17.95
CA ALA A 202 0.13 2.01 -18.45
C ALA A 202 -0.05 3.15 -17.45
N GLY A 203 0.09 2.84 -16.16
CA GLY A 203 0.08 3.84 -15.12
C GLY A 203 1.19 4.85 -15.30
N VAL A 204 2.40 4.36 -15.54
CA VAL A 204 3.57 5.21 -15.74
C VAL A 204 3.41 6.10 -16.97
N MET A 205 2.81 5.55 -18.03
CA MET A 205 2.57 6.31 -19.26
C MET A 205 1.44 7.35 -19.10
N TRP A 206 0.57 7.17 -18.11
CA TRP A 206 -0.50 8.12 -17.84
C TRP A 206 -0.01 9.25 -16.98
N GLN A 207 0.34 10.36 -17.63
CA GLN A 207 1.03 11.47 -16.97
C GLN A 207 0.28 12.80 -17.01
N ASP A 208 -0.82 12.83 -17.75
CA ASP A 208 -1.59 14.07 -17.94
C ASP A 208 -2.87 14.12 -17.09
N GLY A 209 -2.94 13.27 -16.07
CA GLY A 209 -4.06 13.24 -15.15
C GLY A 209 -3.81 14.12 -13.95
N SER A 210 -4.34 13.70 -12.80
CA SER A 210 -4.20 14.44 -11.54
C SER A 210 -2.73 14.74 -11.24
N ARG A 211 -2.44 15.99 -10.88
CA ARG A 211 -1.10 16.39 -10.53
C ARG A 211 -0.77 15.99 -9.10
N ASN A 212 0.31 15.24 -8.94
CA ASN A 212 0.82 14.80 -7.65
C ASN A 212 1.33 15.96 -6.79
N PRO A 213 0.98 15.99 -5.49
CA PRO A 213 1.45 17.07 -4.62
C PRO A 213 2.97 17.03 -4.50
N ASN A 214 3.61 18.17 -4.66
CA ASN A 214 5.05 18.29 -4.49
C ASN A 214 5.45 17.83 -3.08
N PRO A 215 6.49 16.98 -2.98
CA PRO A 215 6.92 16.45 -1.67
C PRO A 215 7.29 17.59 -0.72
N LYS A 216 6.66 17.62 0.46
CA LYS A 216 6.87 18.69 1.43
C LYS A 216 7.11 18.08 2.81
N ALA A 217 7.63 18.91 3.73
CA ALA A 217 8.00 18.43 5.06
C ALA A 217 6.80 17.90 5.86
N ASP A 218 5.62 18.48 5.64
CA ASP A 218 4.42 18.06 6.39
C ASP A 218 3.59 16.97 5.69
N GLY A 219 4.17 16.37 4.65
CA GLY A 219 3.47 15.36 3.87
C GLY A 219 4.17 14.01 3.91
N PHE A 220 4.03 13.27 2.80
CA PHE A 220 4.70 12.00 2.60
C PHE A 220 5.74 12.17 1.48
N PRO A 221 6.86 11.42 1.56
CA PRO A 221 7.20 10.43 2.58
C PRO A 221 7.60 11.08 3.89
N TYR A 222 7.66 10.27 4.95
CA TYR A 222 7.94 10.78 6.28
C TYR A 222 8.62 9.70 7.11
N VAL A 223 9.56 10.12 7.96
CA VAL A 223 10.19 9.25 8.94
C VAL A 223 9.72 9.69 10.32
N PHE A 224 9.05 8.79 11.04
CA PHE A 224 8.50 9.15 12.35
C PHE A 224 9.62 9.37 13.36
N THR A 225 9.43 10.34 14.26
CA THR A 225 10.41 10.62 15.27
C THR A 225 10.46 9.49 16.31
N ASP A 226 11.51 9.50 17.12
CA ASP A 226 11.63 8.54 18.22
C ASP A 226 10.39 8.56 19.10
N GLU A 227 9.97 9.77 19.47
CA GLU A 227 8.81 9.96 20.34
C GLU A 227 7.52 9.47 19.68
N GLU A 228 7.34 9.76 18.39
CA GLU A 228 6.19 9.25 17.65
C GLU A 228 6.10 7.73 17.64
N LEU A 229 7.23 7.07 17.40
CA LEU A 229 7.28 5.61 17.44
C LEU A 229 6.97 5.05 18.83
N ARG A 230 7.54 5.66 19.87
CA ARG A 230 7.28 5.23 21.26
C ARG A 230 5.80 5.33 21.62
N SER A 231 5.10 6.20 20.90
CA SER A 231 3.69 6.50 21.23
C SER A 231 2.69 5.47 20.68
N ALA A 232 3.15 4.55 19.84
CA ALA A 232 2.29 3.52 19.23
C ALA A 232 1.50 2.75 20.29
N ARG A 233 0.18 2.64 20.09
CA ARG A 233 -0.71 1.94 21.04
C ARG A 233 -1.54 0.84 20.37
N VAL A 234 -1.09 0.43 19.19
CA VAL A 234 -1.75 -0.60 18.39
C VAL A 234 -0.70 -1.70 18.12
N PRO A 235 -1.10 -2.98 18.20
CA PRO A 235 -0.11 -4.02 17.84
C PRO A 235 0.28 -3.94 16.37
N ILE A 236 1.58 -4.08 16.11
CA ILE A 236 2.13 -3.99 14.77
C ILE A 236 2.94 -5.24 14.43
N LEU A 237 2.72 -5.75 13.22
CA LEU A 237 3.58 -6.77 12.66
C LEU A 237 4.33 -6.07 11.56
N LEU A 238 5.66 -6.05 11.66
CA LEU A 238 6.49 -5.45 10.63
C LEU A 238 7.21 -6.54 9.86
N LEU A 239 6.88 -6.66 8.57
CA LEU A 239 7.58 -7.57 7.67
C LEU A 239 8.43 -6.81 6.68
N LEU A 240 9.69 -7.22 6.57
CA LEU A 240 10.67 -6.63 5.67
C LEU A 240 11.30 -7.76 4.88
N GLY A 241 11.82 -7.46 3.70
CA GLY A 241 12.45 -8.49 2.84
C GLY A 241 13.96 -8.40 2.86
N GLU A 242 14.64 -9.55 2.93
CA GLU A 242 16.12 -9.56 2.95
C GLU A 242 16.74 -8.83 1.76
N HIS A 243 16.06 -8.88 0.62
CA HIS A 243 16.56 -8.26 -0.61
C HIS A 243 16.05 -6.86 -0.82
N GLU A 244 15.50 -6.25 0.24
CA GLU A 244 15.01 -4.85 0.17
C GLU A 244 16.06 -3.90 -0.38
N VAL A 245 15.63 -2.94 -1.20
CA VAL A 245 16.54 -1.98 -1.84
C VAL A 245 16.25 -0.53 -1.46
N ILE A 246 15.07 -0.25 -0.90
CA ILE A 246 14.68 1.15 -0.65
C ILE A 246 15.35 1.73 0.59
N TYR A 247 15.80 0.82 1.46
CA TYR A 247 16.67 1.12 2.60
C TYR A 247 17.23 -0.21 3.10
N ASP A 248 18.05 -0.17 4.14
CA ASP A 248 18.60 -1.41 4.69
C ASP A 248 17.56 -2.05 5.62
N PRO A 249 17.11 -3.28 5.30
CA PRO A 249 15.96 -3.81 6.03
C PRO A 249 16.33 -4.15 7.46
N HIS A 250 17.59 -4.52 7.70
CA HIS A 250 18.02 -4.80 9.08
C HIS A 250 18.16 -3.55 9.91
N SER A 251 18.65 -2.47 9.30
CA SER A 251 18.64 -1.17 9.96
C SER A 251 17.20 -0.74 10.28
N ALA A 252 16.27 -0.97 9.36
CA ALA A 252 14.85 -0.64 9.58
C ALA A 252 14.26 -1.41 10.76
N LEU A 253 14.52 -2.73 10.78
CA LEU A 253 14.04 -3.58 11.87
C LEU A 253 14.62 -3.09 13.21
N HIS A 254 15.90 -2.70 13.20
CA HIS A 254 16.55 -2.26 14.43
C HIS A 254 15.84 -1.05 14.98
N ARG A 255 15.60 -0.04 14.13
CA ARG A 255 14.98 1.17 14.65
C ARG A 255 13.53 0.90 15.13
N ALA A 256 12.76 0.18 14.32
CA ALA A 256 11.38 -0.13 14.67
C ALA A 256 11.30 -0.87 16.02
N SER A 257 12.15 -1.88 16.17
CA SER A 257 12.18 -2.72 17.37
C SER A 257 12.66 -1.96 18.59
N SER A 258 13.47 -0.92 18.37
CA SER A 258 14.03 -0.11 19.47
C SER A 258 12.97 0.78 20.15
N PHE A 259 11.97 1.22 19.40
CA PHE A 259 11.01 2.22 19.89
C PHE A 259 9.53 1.80 19.96
N VAL A 260 9.07 0.98 19.02
CA VAL A 260 7.62 0.66 18.95
C VAL A 260 7.30 -0.35 20.05
N PRO A 261 6.37 0.00 20.97
CA PRO A 261 6.14 -0.84 22.16
C PRO A 261 5.64 -2.24 21.84
N ASP A 262 4.72 -2.36 20.90
CA ASP A 262 4.05 -3.63 20.73
C ASP A 262 4.31 -4.01 19.28
N ILE A 263 5.43 -4.69 19.05
CA ILE A 263 5.89 -4.99 17.69
C ILE A 263 6.35 -6.44 17.56
N GLU A 264 6.01 -7.06 16.43
CA GLU A 264 6.60 -8.32 16.01
C GLU A 264 7.21 -7.99 14.66
N ALA A 265 8.54 -8.01 14.58
CA ALA A 265 9.21 -7.59 13.36
C ALA A 265 10.14 -8.68 12.88
N GLU A 266 10.21 -8.86 11.55
CA GLU A 266 11.12 -9.86 10.98
C GLU A 266 11.53 -9.52 9.56
N VAL A 267 12.73 -9.98 9.21
CA VAL A 267 13.25 -9.88 7.85
C VAL A 267 13.09 -11.25 7.22
N ILE A 268 12.31 -11.30 6.15
CA ILE A 268 11.91 -12.53 5.49
C ILE A 268 12.91 -12.97 4.43
N LYS A 269 13.13 -14.28 4.34
CA LYS A 269 14.08 -14.84 3.38
C LYS A 269 13.52 -14.82 1.95
N ASN A 270 14.40 -14.67 0.98
CA ASN A 270 14.06 -14.86 -0.43
C ASN A 270 12.96 -13.92 -0.90
N ALA A 271 12.95 -12.70 -0.35
CA ALA A 271 12.00 -11.68 -0.74
C ALA A 271 12.63 -10.31 -0.56
N GLY A 272 12.14 -9.36 -1.34
CA GLY A 272 12.63 -8.00 -1.24
C GLY A 272 11.48 -7.10 -0.88
N HIS A 273 11.41 -5.96 -1.57
CA HIS A 273 10.40 -4.95 -1.31
C HIS A 273 8.98 -5.46 -1.48
N VAL A 274 8.69 -6.09 -2.61
CA VAL A 274 7.31 -6.47 -2.90
C VAL A 274 7.08 -7.89 -2.38
N LEU A 275 7.28 -8.05 -1.08
CA LEU A 275 7.35 -9.36 -0.46
C LEU A 275 6.03 -10.15 -0.49
N SER A 276 4.90 -9.43 -0.53
CA SER A 276 3.58 -10.04 -0.64
C SER A 276 3.38 -10.79 -1.97
N MET A 277 4.12 -10.38 -2.99
CA MET A 277 4.02 -10.95 -4.36
C MET A 277 5.10 -11.99 -4.59
N GLU A 278 6.24 -11.84 -3.91
CA GLU A 278 7.34 -12.80 -4.02
C GLU A 278 7.17 -14.01 -3.12
N GLN A 279 6.64 -13.80 -1.92
CA GLN A 279 6.48 -14.92 -1.01
C GLN A 279 5.06 -14.99 -0.47
N PRO A 280 4.05 -15.16 -1.36
CA PRO A 280 2.65 -15.10 -0.89
C PRO A 280 2.29 -16.22 0.09
N ALA A 281 2.77 -17.45 -0.14
CA ALA A 281 2.42 -18.54 0.78
C ALA A 281 2.87 -18.25 2.21
N TYR A 282 4.10 -17.75 2.38
CA TYR A 282 4.61 -17.44 3.71
C TYR A 282 3.92 -16.21 4.27
N VAL A 283 3.86 -15.16 3.46
CA VAL A 283 3.32 -13.87 3.91
C VAL A 283 1.84 -13.97 4.28
N ASN A 284 1.07 -14.68 3.45
CA ASN A 284 -0.34 -14.92 3.73
C ASN A 284 -0.58 -15.53 5.12
N GLU A 285 0.10 -16.64 5.41
CA GLU A 285 -0.04 -17.34 6.70
C GLU A 285 0.47 -16.50 7.86
N ARG A 286 1.59 -15.84 7.65
CA ARG A 286 2.25 -15.07 8.71
C ARG A 286 1.34 -13.95 9.19
N VAL A 287 0.73 -13.23 8.26
CA VAL A 287 -0.19 -12.15 8.59
C VAL A 287 -1.43 -12.69 9.31
N MET A 288 -1.97 -13.79 8.79
CA MET A 288 -3.14 -14.40 9.42
C MET A 288 -2.85 -14.82 10.86
N ARG A 289 -1.69 -15.44 11.07
CA ARG A 289 -1.27 -15.92 12.39
C ARG A 289 -1.21 -14.75 13.37
N PHE A 290 -0.67 -13.63 12.91
CA PHE A 290 -0.58 -12.42 13.72
C PHE A 290 -1.96 -11.87 14.13
N PHE A 291 -2.88 -11.82 13.17
CA PHE A 291 -4.22 -11.31 13.42
C PHE A 291 -5.04 -12.23 14.35
N ASN A 292 -4.75 -13.53 14.29
CA ASN A 292 -5.48 -14.54 15.06
C ASN A 292 -4.97 -14.69 16.50
#